data_8CPY
#
_entry.id   8CPY
#
_entity_poly.entity_id   1
_entity_poly.type   'polypeptide(L)'
_entity_poly.pdbx_seq_one_letter_code
;MSTVGTGKLTRAQRRAAARKNKRNTRVVQPVIVEPIASGQGKAIKAWTGYSVSKWTASCAAAEAKVTSAITISLPNELSS
ERNKQLKVGRVLLWLGLLPSVSGTVKSCVTETQTTAAASFQVALAVADNSKDVVAAMYPEAFKGITLEQLTADLTIYLYS
SAALTEGDVIVHLEVEHVRPTFDDSFTPVY
;
_entity_poly.pdbx_strand_id   C,D,I
#
# COMPACT_ATOMS: atom_id res chain seq x y z
N ALA A 43 -27.44 17.72 -21.53
CA ALA A 43 -28.09 16.94 -22.57
C ALA A 43 -27.32 15.66 -22.86
N ILE A 44 -26.04 15.66 -22.49
CA ILE A 44 -25.18 14.52 -22.72
C ILE A 44 -25.41 13.51 -21.60
N LYS A 45 -25.67 12.26 -21.98
CA LYS A 45 -26.02 11.24 -21.01
C LYS A 45 -24.77 10.69 -20.33
N ALA A 46 -24.96 10.23 -19.10
CA ALA A 46 -23.87 9.66 -18.30
C ALA A 46 -23.76 8.16 -18.52
N TRP A 47 -22.59 7.62 -18.19
CA TRP A 47 -22.35 6.20 -18.36
C TRP A 47 -23.18 5.38 -17.36
N THR A 48 -23.43 4.14 -17.72
CA THR A 48 -24.05 3.21 -16.79
C THR A 48 -23.16 3.08 -15.56
N GLY A 49 -23.79 3.06 -14.38
CA GLY A 49 -23.05 2.98 -13.14
C GLY A 49 -22.42 4.28 -12.70
N TYR A 50 -22.67 5.38 -13.40
CA TYR A 50 -22.15 6.68 -13.04
C TYR A 50 -23.30 7.66 -12.85
N SER A 51 -22.99 8.76 -12.17
CA SER A 51 -23.92 9.85 -11.95
C SER A 51 -23.15 11.16 -12.01
N VAL A 52 -23.85 12.25 -12.26
CA VAL A 52 -23.24 13.56 -12.44
C VAL A 52 -23.47 14.40 -11.20
N SER A 53 -22.41 15.00 -10.69
CA SER A 53 -22.49 15.99 -9.63
C SER A 53 -22.06 17.34 -10.19
N LYS A 54 -22.82 18.38 -9.86
CA LYS A 54 -22.60 19.70 -10.43
C LYS A 54 -22.47 20.72 -9.31
N TRP A 55 -21.50 21.61 -9.44
CA TRP A 55 -21.36 22.70 -8.48
C TRP A 55 -20.65 23.86 -9.15
N THR A 56 -20.74 25.02 -8.50
CA THR A 56 -20.30 26.28 -9.07
C THR A 56 -19.28 26.94 -8.17
N ALA A 57 -18.48 27.82 -8.77
CA ALA A 57 -17.50 28.61 -8.03
C ALA A 57 -17.44 29.99 -8.64
N SER A 58 -17.45 31.01 -7.79
CA SER A 58 -17.40 32.39 -8.25
C SER A 58 -15.97 32.77 -8.59
N CYS A 59 -15.83 33.84 -9.36
CA CYS A 59 -14.53 34.30 -9.82
C CYS A 59 -14.09 35.50 -9.00
N ALA A 60 -12.85 35.43 -8.50
CA ALA A 60 -12.32 36.49 -7.68
C ALA A 60 -11.91 37.69 -8.52
N ALA A 61 -11.94 38.87 -7.91
CA ALA A 61 -11.52 40.08 -8.59
C ALA A 61 -10.05 39.97 -8.99
N ALA A 62 -9.75 40.43 -10.20
CA ALA A 62 -8.40 40.35 -10.72
C ALA A 62 -8.19 41.46 -11.75
N GLU A 63 -6.93 41.75 -12.00
CA GLU A 63 -6.56 42.82 -12.93
C GLU A 63 -6.46 42.29 -14.36
N ALA A 64 -6.37 43.23 -15.29
CA ALA A 64 -6.40 42.89 -16.71
C ALA A 64 -5.28 41.95 -17.09
N LYS A 65 -5.61 40.99 -17.96
CA LYS A 65 -4.63 40.14 -18.63
C LYS A 65 -3.91 39.21 -17.66
N VAL A 66 -4.28 39.26 -16.38
CA VAL A 66 -3.64 38.47 -15.34
C VAL A 66 -4.50 37.23 -15.09
N THR A 67 -3.85 36.07 -15.09
CA THR A 67 -4.56 34.83 -14.83
C THR A 67 -4.77 34.64 -13.34
N SER A 68 -5.86 33.97 -12.99
CA SER A 68 -6.18 33.67 -11.61
C SER A 68 -6.50 32.19 -11.47
N ALA A 69 -6.43 31.71 -10.22
CA ALA A 69 -6.73 30.33 -9.90
C ALA A 69 -7.98 30.25 -9.04
N ILE A 70 -8.73 29.16 -9.22
CA ILE A 70 -9.93 28.91 -8.43
C ILE A 70 -9.86 27.49 -7.92
N THR A 71 -9.98 27.32 -6.61
CA THR A 71 -9.83 26.02 -5.97
C THR A 71 -11.08 25.18 -6.18
N ILE A 72 -10.89 23.88 -6.28
CA ILE A 72 -12.00 22.93 -6.41
C ILE A 72 -12.30 22.38 -5.03
N SER A 73 -13.51 22.64 -4.54
CA SER A 73 -13.98 22.09 -3.27
C SER A 73 -15.17 21.18 -3.52
N LEU A 74 -15.11 19.98 -2.96
CA LEU A 74 -16.15 18.99 -3.22
C LEU A 74 -17.48 19.47 -2.67
N PRO A 75 -18.59 19.12 -3.33
CA PRO A 75 -19.90 19.43 -2.78
C PRO A 75 -20.21 18.55 -1.57
N ASN A 76 -21.14 19.03 -0.75
CA ASN A 76 -21.43 18.36 0.51
C ASN A 76 -21.75 16.89 0.31
N GLU A 77 -22.62 16.57 -0.65
CA GLU A 77 -23.02 15.18 -0.85
C GLU A 77 -21.87 14.31 -1.31
N LEU A 78 -20.69 14.88 -1.57
CA LEU A 78 -19.50 14.11 -1.87
C LEU A 78 -18.41 14.30 -0.84
N SER A 79 -18.61 15.13 0.17
CA SER A 79 -17.57 15.41 1.15
C SER A 79 -17.39 14.30 2.18
N SER A 80 -18.25 13.29 2.17
CA SER A 80 -18.10 12.18 3.09
C SER A 80 -16.92 11.30 2.67
N GLU A 81 -16.28 10.67 3.65
CA GLU A 81 -15.09 9.88 3.38
C GLU A 81 -15.39 8.73 2.43
N ARG A 82 -16.54 8.08 2.60
CA ARG A 82 -16.90 6.99 1.70
C ARG A 82 -16.95 7.48 0.25
N ASN A 83 -17.56 8.64 0.03
CA ASN A 83 -17.84 9.08 -1.34
C ASN A 83 -16.58 9.57 -2.04
N LYS A 84 -15.73 10.32 -1.34
CA LYS A 84 -14.60 10.92 -2.03
C LYS A 84 -13.61 9.89 -2.55
N GLN A 85 -13.70 8.65 -2.08
CA GLN A 85 -12.90 7.58 -2.66
C GLN A 85 -13.36 7.17 -4.05
N LEU A 86 -14.52 7.66 -4.49
CA LEU A 86 -15.11 7.19 -5.74
C LEU A 86 -14.28 7.65 -6.94
N LYS A 87 -14.43 6.92 -8.04
CA LYS A 87 -13.67 7.15 -9.25
C LYS A 87 -14.43 8.10 -10.17
N VAL A 88 -13.67 8.93 -10.89
CA VAL A 88 -14.25 9.95 -11.75
C VAL A 88 -14.34 9.42 -13.18
N GLY A 89 -15.24 10.01 -13.96
CA GLY A 89 -15.31 9.73 -15.38
C GLY A 89 -14.98 10.94 -16.23
N ARG A 90 -15.97 11.50 -16.92
CA ARG A 90 -15.79 12.68 -17.74
C ARG A 90 -16.04 13.94 -16.94
N VAL A 91 -15.40 15.02 -17.36
CA VAL A 91 -15.49 16.32 -16.69
C VAL A 91 -15.93 17.34 -17.72
N LEU A 92 -16.90 18.18 -17.33
CA LEU A 92 -17.41 19.24 -18.18
C LEU A 92 -17.30 20.57 -17.45
N LEU A 93 -16.72 21.56 -18.12
CA LEU A 93 -16.60 22.90 -17.59
C LEU A 93 -17.30 23.87 -18.54
N TRP A 94 -18.12 24.76 -17.97
CA TRP A 94 -18.79 25.76 -18.78
C TRP A 94 -19.09 26.97 -17.92
N LEU A 95 -18.95 28.14 -18.50
CA LEU A 95 -19.03 29.39 -17.76
C LEU A 95 -20.41 30.01 -17.86
N GLY A 96 -20.63 31.00 -17.01
CA GLY A 96 -21.71 31.94 -17.17
C GLY A 96 -21.16 33.33 -17.00
N LEU A 97 -21.35 34.20 -17.97
CA LEU A 97 -20.80 35.55 -17.93
C LEU A 97 -21.90 36.55 -17.64
N LEU A 98 -21.54 37.60 -16.90
CA LEU A 98 -22.42 38.73 -16.80
C LEU A 98 -22.62 39.32 -18.20
N PRO A 99 -23.81 39.84 -18.50
CA PRO A 99 -24.03 40.40 -19.84
C PRO A 99 -23.07 41.52 -20.17
N SER A 100 -22.48 42.16 -19.16
CA SER A 100 -21.55 43.26 -19.35
C SER A 100 -20.12 42.80 -19.60
N VAL A 101 -19.84 41.50 -19.53
CA VAL A 101 -18.48 41.03 -19.71
C VAL A 101 -18.02 41.35 -21.12
N SER A 102 -16.87 42.03 -21.25
CA SER A 102 -16.29 42.40 -22.52
C SER A 102 -14.92 41.74 -22.65
N GLY A 103 -14.30 41.95 -23.81
CA GLY A 103 -12.96 41.44 -24.01
C GLY A 103 -12.92 39.91 -24.07
N THR A 104 -11.72 39.40 -23.81
CA THR A 104 -11.44 37.97 -23.91
C THR A 104 -11.41 37.36 -22.51
N VAL A 105 -12.03 36.20 -22.36
CA VAL A 105 -12.01 35.46 -21.10
C VAL A 105 -11.81 33.99 -21.41
N LYS A 106 -10.84 33.36 -20.74
CA LYS A 106 -10.51 31.97 -20.97
C LYS A 106 -10.35 31.27 -19.63
N SER A 107 -10.70 29.98 -19.60
CA SER A 107 -10.56 29.20 -18.38
C SER A 107 -10.41 27.73 -18.74
N CYS A 108 -9.65 27.00 -17.92
CA CYS A 108 -9.47 25.57 -18.10
C CYS A 108 -9.05 24.96 -16.78
N VAL A 109 -9.28 23.66 -16.65
CA VAL A 109 -8.93 22.92 -15.44
C VAL A 109 -7.83 21.94 -15.79
N THR A 110 -6.75 21.95 -15.01
CA THR A 110 -5.56 21.17 -15.30
C THR A 110 -4.90 20.79 -13.99
N GLU A 111 -3.93 19.89 -14.08
CA GLU A 111 -3.10 19.58 -12.92
C GLU A 111 -2.49 20.87 -12.39
N THR A 112 -2.55 21.04 -11.07
CA THR A 112 -2.09 22.29 -10.47
C THR A 112 -0.67 22.59 -10.92
N GLN A 113 -0.47 23.79 -11.42
CA GLN A 113 0.83 24.23 -11.94
C GLN A 113 1.36 25.37 -11.10
N THR A 114 2.68 25.43 -10.97
CA THR A 114 3.31 26.42 -10.11
C THR A 114 2.93 27.83 -10.53
N THR A 115 2.93 28.10 -11.83
CA THR A 115 2.52 29.39 -12.36
C THR A 115 1.12 29.27 -12.94
N ALA A 116 0.25 30.20 -12.55
CA ALA A 116 -1.16 30.09 -12.94
C ALA A 116 -1.31 30.18 -14.46
N ALA A 117 -0.59 31.11 -15.08
CA ALA A 117 -0.75 31.30 -16.52
C ALA A 117 -0.43 30.03 -17.29
N ALA A 118 0.58 29.30 -16.85
CA ALA A 118 1.06 28.16 -17.61
C ALA A 118 -0.02 27.11 -17.82
N SER A 119 -1.05 27.09 -16.98
CA SER A 119 -2.03 26.01 -17.06
C SER A 119 -2.67 25.92 -18.44
N PHE A 120 -2.73 27.04 -19.17
CA PHE A 120 -3.34 27.02 -20.49
C PHE A 120 -2.47 26.33 -21.53
N GLN A 121 -1.27 25.91 -21.17
CA GLN A 121 -0.32 25.34 -22.12
C GLN A 121 -0.24 23.83 -22.05
N VAL A 122 -1.08 23.19 -21.25
CA VAL A 122 -1.10 21.74 -21.17
C VAL A 122 -2.53 21.22 -21.23
N ALA A 123 -3.48 22.13 -21.40
CA ALA A 123 -4.89 21.76 -21.38
C ALA A 123 -5.32 21.24 -22.74
N LEU A 124 -6.16 20.19 -22.71
CA LEU A 124 -6.66 19.62 -23.96
C LEU A 124 -7.63 20.57 -24.64
N ALA A 125 -8.61 21.07 -23.90
CA ALA A 125 -9.61 21.99 -24.41
C ALA A 125 -9.76 23.14 -23.45
N VAL A 126 -9.90 24.34 -23.99
CA VAL A 126 -10.08 25.54 -23.19
C VAL A 126 -11.52 26.02 -23.33
N ALA A 127 -12.04 26.62 -22.27
CA ALA A 127 -13.33 27.28 -22.31
C ALA A 127 -13.08 28.76 -22.55
N ASP A 128 -13.48 29.26 -23.72
CA ASP A 128 -13.19 30.62 -24.14
C ASP A 128 -14.50 31.31 -24.52
N ASN A 129 -14.57 32.61 -24.26
CA ASN A 129 -15.76 33.38 -24.56
C ASN A 129 -15.91 33.74 -26.04
N SER A 130 -14.82 33.78 -26.79
CA SER A 130 -14.92 34.10 -28.21
C SER A 130 -15.64 33.02 -29.00
N LYS A 131 -15.80 31.82 -28.45
CA LYS A 131 -16.47 30.75 -29.16
C LYS A 131 -17.98 30.85 -28.97
N ASP A 132 -18.71 30.06 -29.77
CA ASP A 132 -20.17 30.06 -29.67
C ASP A 132 -20.63 29.63 -28.30
N VAL A 133 -20.16 28.47 -27.84
CA VAL A 133 -20.49 27.92 -26.53
C VAL A 133 -19.26 28.10 -25.65
N VAL A 134 -19.42 28.79 -24.52
CA VAL A 134 -18.30 29.05 -23.64
C VAL A 134 -18.15 27.86 -22.71
N ALA A 135 -17.45 26.82 -23.18
CA ALA A 135 -17.36 25.58 -22.45
C ALA A 135 -16.14 24.80 -22.94
N ALA A 136 -15.85 23.71 -22.24
CA ALA A 136 -14.80 22.78 -22.64
C ALA A 136 -15.16 21.41 -22.12
N MET A 137 -14.59 20.38 -22.73
CA MET A 137 -14.84 19.01 -22.33
C MET A 137 -13.51 18.27 -22.18
N TYR A 138 -13.44 17.40 -21.17
CA TYR A 138 -12.23 16.64 -20.89
C TYR A 138 -12.60 15.16 -20.79
N PRO A 139 -13.12 14.58 -21.87
CA PRO A 139 -13.64 13.21 -21.77
C PRO A 139 -12.60 12.19 -21.33
N GLU A 140 -11.35 12.34 -21.77
CA GLU A 140 -10.33 11.34 -21.48
C GLU A 140 -9.31 11.79 -20.44
N ALA A 141 -9.11 13.09 -20.28
CA ALA A 141 -8.00 13.56 -19.45
C ALA A 141 -8.07 13.00 -18.03
N PHE A 142 -9.25 13.06 -17.40
CA PHE A 142 -9.35 12.78 -15.98
C PHE A 142 -10.05 11.46 -15.67
N LYS A 143 -10.17 10.55 -16.64
CA LYS A 143 -10.70 9.24 -16.34
C LYS A 143 -9.77 8.52 -15.35
N GLY A 144 -10.38 7.88 -14.35
CA GLY A 144 -9.65 7.08 -13.39
C GLY A 144 -9.28 7.79 -12.11
N ILE A 145 -9.31 9.13 -12.09
CA ILE A 145 -8.93 9.85 -10.88
C ILE A 145 -10.01 9.71 -9.82
N THR A 146 -9.61 9.90 -8.56
CA THR A 146 -10.53 9.86 -7.44
C THR A 146 -10.88 11.29 -7.03
N LEU A 147 -12.07 11.42 -6.43
CA LEU A 147 -12.52 12.75 -6.02
C LEU A 147 -11.54 13.40 -5.06
N GLU A 148 -10.86 12.61 -4.23
CA GLU A 148 -9.78 13.16 -3.43
C GLU A 148 -8.74 13.81 -4.32
N GLN A 149 -8.26 13.04 -5.31
CA GLN A 149 -7.24 13.56 -6.21
C GLN A 149 -7.78 14.69 -7.05
N LEU A 150 -9.04 14.60 -7.46
CA LEU A 150 -9.64 15.68 -8.24
C LEU A 150 -9.65 16.98 -7.45
N THR A 151 -9.96 16.88 -6.15
CA THR A 151 -10.02 18.08 -5.32
C THR A 151 -8.64 18.58 -4.94
N ALA A 152 -7.66 17.68 -4.81
CA ALA A 152 -6.36 18.07 -4.27
C ALA A 152 -5.35 18.43 -5.35
N ASP A 153 -5.49 17.89 -6.56
CA ASP A 153 -4.47 18.01 -7.60
C ASP A 153 -4.84 19.02 -8.67
N LEU A 154 -6.09 19.01 -9.13
CA LEU A 154 -6.50 19.88 -10.21
C LEU A 154 -6.75 21.29 -9.67
N THR A 155 -6.95 22.22 -10.60
CA THR A 155 -7.24 23.59 -10.22
C THR A 155 -7.89 24.28 -11.40
N ILE A 156 -8.86 25.13 -11.12
CA ILE A 156 -9.56 25.87 -12.15
C ILE A 156 -8.84 27.19 -12.36
N TYR A 157 -8.27 27.37 -13.55
CA TYR A 157 -7.55 28.58 -13.91
C TYR A 157 -8.40 29.41 -14.84
N LEU A 158 -8.41 30.72 -14.63
CA LEU A 158 -9.28 31.62 -15.35
C LEU A 158 -8.51 32.86 -15.77
N TYR A 159 -8.70 33.27 -17.02
CA TYR A 159 -7.97 34.41 -17.58
C TYR A 159 -8.93 35.39 -18.21
N SER A 160 -8.67 36.68 -18.01
CA SER A 160 -9.45 37.74 -18.61
C SER A 160 -8.52 38.80 -19.18
N SER A 161 -8.84 39.28 -20.38
CA SER A 161 -8.08 40.37 -20.98
C SER A 161 -8.27 41.66 -20.18
N ALA A 162 -9.47 41.89 -19.68
CA ALA A 162 -9.79 43.06 -18.88
C ALA A 162 -9.96 42.66 -17.42
N ALA A 163 -10.11 43.68 -16.57
CA ALA A 163 -10.30 43.44 -15.14
C ALA A 163 -11.61 42.71 -14.89
N LEU A 164 -11.66 42.01 -13.76
CA LEU A 164 -12.86 41.30 -13.32
C LEU A 164 -13.22 41.73 -11.91
N THR A 165 -14.52 41.72 -11.63
CA THR A 165 -15.03 41.96 -10.29
C THR A 165 -15.72 40.71 -9.77
N GLU A 166 -15.63 40.50 -8.46
CA GLU A 166 -16.20 39.31 -7.84
C GLU A 166 -17.57 38.99 -8.42
N GLY A 167 -17.75 37.72 -8.78
CA GLY A 167 -19.00 37.25 -9.35
C GLY A 167 -19.16 37.54 -10.83
N ASP A 168 -18.19 38.20 -11.45
CA ASP A 168 -18.29 38.50 -12.87
C ASP A 168 -18.35 37.22 -13.71
N VAL A 169 -17.88 36.10 -13.18
CA VAL A 169 -17.94 34.83 -13.88
C VAL A 169 -18.36 33.76 -12.89
N ILE A 170 -19.26 32.89 -13.32
CA ILE A 170 -19.69 31.76 -12.52
C ILE A 170 -19.14 30.51 -13.20
N VAL A 171 -18.12 29.92 -12.60
CA VAL A 171 -17.44 28.78 -13.19
C VAL A 171 -18.18 27.53 -12.77
N HIS A 172 -19.00 26.98 -13.66
CA HIS A 172 -19.75 25.79 -13.36
C HIS A 172 -18.90 24.59 -13.72
N LEU A 173 -18.89 23.59 -12.84
CA LEU A 173 -18.16 22.36 -13.08
C LEU A 173 -19.10 21.18 -12.94
N GLU A 174 -18.97 20.21 -13.82
CA GLU A 174 -19.82 19.03 -13.83
C GLU A 174 -18.94 17.81 -13.95
N VAL A 175 -19.17 16.82 -13.09
CA VAL A 175 -18.27 15.68 -12.95
C VAL A 175 -19.08 14.40 -13.01
N GLU A 176 -18.64 13.46 -13.85
CA GLU A 176 -19.13 12.09 -13.78
C GLU A 176 -18.34 11.32 -12.73
N HIS A 177 -19.03 10.42 -12.04
CA HIS A 177 -18.35 9.52 -11.13
C HIS A 177 -19.25 8.33 -10.85
N VAL A 178 -18.63 7.28 -10.30
CA VAL A 178 -19.38 6.07 -9.97
C VAL A 178 -20.55 6.44 -9.08
N ARG A 179 -21.72 5.87 -9.39
CA ARG A 179 -22.92 6.12 -8.59
C ARG A 179 -22.62 5.81 -7.14
N PRO A 180 -22.56 6.81 -6.26
CA PRO A 180 -22.20 6.54 -4.87
C PRO A 180 -23.18 5.56 -4.23
N THR A 181 -22.64 4.70 -3.37
CA THR A 181 -23.39 3.63 -2.73
C THR A 181 -23.59 3.94 -1.26
N PHE A 182 -24.71 3.47 -0.72
CA PHE A 182 -25.11 3.76 0.65
C PHE A 182 -25.29 2.47 1.45
N ASP A 183 -25.03 2.56 2.75
CA ASP A 183 -25.30 1.46 3.65
C ASP A 183 -26.79 1.15 3.64
N ASP A 184 -27.14 -0.13 3.59
CA ASP A 184 -28.52 -0.55 3.43
C ASP A 184 -28.92 -1.58 4.48
N SER A 185 -28.50 -1.36 5.72
CA SER A 185 -28.91 -2.25 6.80
C SER A 185 -28.52 -1.63 8.13
N PHE A 186 -29.28 -1.95 9.17
CA PHE A 186 -28.98 -1.55 10.52
C PHE A 186 -28.03 -2.53 11.19
N THR A 187 -27.39 -2.07 12.25
CA THR A 187 -26.53 -2.91 13.05
C THR A 187 -27.32 -3.62 14.14
N PRO A 188 -26.86 -4.77 14.61
CA PRO A 188 -27.47 -5.37 15.80
C PRO A 188 -27.17 -4.51 17.02
N VAL A 189 -28.22 -3.98 17.63
CA VAL A 189 -28.05 -2.99 18.68
C VAL A 189 -27.42 -1.74 18.08
N GLY B 41 -23.88 -25.92 25.77
CA GLY B 41 -25.17 -25.44 25.21
C GLY B 41 -25.10 -25.22 23.71
N LYS B 42 -23.89 -25.13 23.14
CA LYS B 42 -23.67 -24.90 21.69
C LYS B 42 -22.18 -24.97 21.42
N ALA B 43 -21.76 -25.33 20.21
CA ALA B 43 -20.33 -25.34 19.80
C ALA B 43 -20.27 -24.74 18.40
N ILE B 44 -19.88 -23.48 18.28
CA ILE B 44 -19.87 -22.76 16.97
C ILE B 44 -18.85 -23.41 16.06
N LYS B 45 -19.25 -24.31 15.16
CA LYS B 45 -18.31 -24.88 14.21
C LYS B 45 -17.60 -23.78 13.43
N ALA B 46 -16.28 -23.92 13.27
CA ALA B 46 -15.51 -23.00 12.45
C ALA B 46 -15.83 -23.22 10.97
N TRP B 47 -15.62 -22.16 10.19
CA TRP B 47 -15.83 -22.25 8.75
C TRP B 47 -14.84 -23.24 8.13
N THR B 48 -15.25 -23.84 7.02
CA THR B 48 -14.35 -24.71 6.28
C THR B 48 -13.10 -23.96 5.89
N GLY B 49 -11.94 -24.57 6.12
CA GLY B 49 -10.68 -23.92 5.87
C GLY B 49 -10.20 -23.01 6.98
N TYR B 50 -10.96 -22.89 8.06
CA TYR B 50 -10.57 -22.06 9.20
C TYR B 50 -10.38 -22.92 10.44
N SER B 51 -9.61 -22.38 11.38
CA SER B 51 -9.36 -23.02 12.66
C SER B 51 -9.53 -21.98 13.74
N VAL B 52 -9.55 -22.44 15.00
CA VAL B 52 -9.71 -21.56 16.15
C VAL B 52 -8.45 -21.64 17.00
N SER B 53 -7.90 -20.48 17.33
CA SER B 53 -6.76 -20.37 18.23
C SER B 53 -7.21 -19.66 19.49
N LYS B 54 -6.82 -20.19 20.65
CA LYS B 54 -7.34 -19.72 21.91
C LYS B 54 -6.19 -19.43 22.88
N TRP B 55 -6.25 -18.28 23.52
CA TRP B 55 -5.26 -17.93 24.53
C TRP B 55 -5.88 -16.92 25.49
N THR B 56 -5.20 -16.72 26.61
CA THR B 56 -5.72 -15.93 27.71
C THR B 56 -4.79 -14.75 27.97
N ALA B 57 -5.19 -13.91 28.92
CA ALA B 57 -4.39 -12.75 29.30
C ALA B 57 -4.87 -12.27 30.66
N SER B 58 -4.07 -12.52 31.69
CA SER B 58 -4.46 -12.12 33.04
C SER B 58 -4.55 -10.61 33.14
N CYS B 59 -5.51 -10.14 33.94
CA CYS B 59 -5.69 -8.70 34.11
C CYS B 59 -4.65 -8.14 35.06
N ALA B 60 -4.19 -6.93 34.76
CA ALA B 60 -3.28 -6.24 35.64
C ALA B 60 -4.04 -5.54 36.75
N ALA B 61 -3.35 -5.29 37.86
CA ALA B 61 -3.97 -4.62 38.99
C ALA B 61 -4.45 -3.24 38.59
N ALA B 62 -5.61 -2.85 39.10
CA ALA B 62 -6.20 -1.56 38.76
C ALA B 62 -7.04 -1.08 39.94
N GLU B 63 -7.29 0.23 39.95
CA GLU B 63 -8.09 0.86 40.98
C GLU B 63 -9.55 1.00 40.52
N ALA B 64 -10.39 1.45 41.45
CA ALA B 64 -11.83 1.49 41.18
C ALA B 64 -12.13 2.32 39.96
N LYS B 65 -13.03 1.81 39.11
CA LYS B 65 -13.54 2.48 37.92
C LYS B 65 -12.47 2.81 36.90
N VAL B 66 -11.22 2.40 37.12
CA VAL B 66 -10.17 2.68 36.17
C VAL B 66 -10.27 1.70 35.01
N THR B 67 -10.39 2.22 33.80
CA THR B 67 -10.38 1.39 32.62
C THR B 67 -8.94 1.07 32.26
N SER B 68 -8.67 -0.21 32.02
CA SER B 68 -7.33 -0.66 31.68
C SER B 68 -7.33 -1.22 30.26
N ALA B 69 -6.19 -1.09 29.60
CA ALA B 69 -5.99 -1.66 28.27
C ALA B 69 -5.10 -2.88 28.40
N ILE B 70 -5.51 -3.97 27.78
CA ILE B 70 -4.76 -5.22 27.80
C ILE B 70 -4.31 -5.50 26.38
N THR B 71 -3.00 -5.67 26.20
CA THR B 71 -2.44 -5.84 24.87
C THR B 71 -2.68 -7.26 24.37
N ILE B 72 -3.04 -7.38 23.09
CA ILE B 72 -3.30 -8.67 22.48
C ILE B 72 -2.01 -9.17 21.84
N SER B 73 -1.50 -10.30 22.33
CA SER B 73 -0.27 -10.89 21.82
C SER B 73 -0.58 -12.25 21.22
N LEU B 74 -0.09 -12.48 20.00
CA LEU B 74 -0.32 -13.75 19.35
C LEU B 74 0.37 -14.87 20.13
N PRO B 75 -0.20 -16.07 20.13
CA PRO B 75 0.48 -17.21 20.74
C PRO B 75 1.71 -17.58 19.95
N ASN B 76 2.68 -18.18 20.63
CA ASN B 76 3.91 -18.59 19.96
C ASN B 76 3.61 -19.41 18.72
N GLU B 77 2.73 -20.40 18.84
CA GLU B 77 2.51 -21.34 17.75
C GLU B 77 2.05 -20.64 16.49
N LEU B 78 1.36 -19.51 16.61
CA LEU B 78 0.99 -18.70 15.46
C LEU B 78 2.01 -17.62 15.14
N SER B 79 2.97 -17.39 16.03
CA SER B 79 3.84 -16.22 15.92
C SER B 79 4.72 -16.24 14.67
N SER B 80 4.82 -17.36 13.97
CA SER B 80 5.68 -17.42 12.80
C SER B 80 5.21 -16.43 11.75
N GLU B 81 6.18 -15.83 11.03
CA GLU B 81 5.82 -14.89 9.99
C GLU B 81 4.97 -15.55 8.92
N ARG B 82 5.27 -16.81 8.61
CA ARG B 82 4.49 -17.53 7.61
C ARG B 82 3.01 -17.46 7.93
N ASN B 83 2.66 -17.56 9.22
CA ASN B 83 1.27 -17.56 9.65
C ASN B 83 0.72 -16.16 9.86
N LYS B 84 1.59 -15.17 10.12
CA LYS B 84 1.12 -13.84 10.47
C LYS B 84 0.23 -13.23 9.41
N GLN B 85 0.32 -13.70 8.16
CA GLN B 85 -0.46 -13.14 7.07
C GLN B 85 -1.78 -13.83 6.88
N LEU B 86 -2.18 -14.71 7.80
CA LEU B 86 -3.45 -15.39 7.67
C LEU B 86 -4.60 -14.45 8.00
N LYS B 87 -5.73 -14.69 7.35
CA LYS B 87 -6.89 -13.81 7.44
C LYS B 87 -7.82 -14.24 8.57
N VAL B 88 -8.15 -13.30 9.45
CA VAL B 88 -8.96 -13.62 10.62
C VAL B 88 -10.41 -13.82 10.21
N GLY B 89 -11.13 -14.61 10.98
CA GLY B 89 -12.56 -14.75 10.84
C GLY B 89 -13.31 -14.23 12.05
N ARG B 90 -14.24 -15.01 12.57
CA ARG B 90 -14.99 -14.60 13.74
C ARG B 90 -14.07 -14.52 14.97
N VAL B 91 -14.41 -13.61 15.87
CA VAL B 91 -13.65 -13.42 17.10
C VAL B 91 -14.62 -13.50 18.26
N LEU B 92 -14.22 -14.18 19.33
CA LEU B 92 -15.04 -14.36 20.51
C LEU B 92 -14.22 -14.04 21.74
N LEU B 93 -14.79 -13.27 22.65
CA LEU B 93 -14.17 -12.96 23.94
C LEU B 93 -15.13 -13.36 25.04
N TRP B 94 -14.58 -13.87 26.14
CA TRP B 94 -15.40 -14.20 27.30
C TRP B 94 -14.51 -14.24 28.53
N LEU B 95 -15.09 -13.90 29.67
CA LEU B 95 -14.33 -13.70 30.88
C LEU B 95 -14.47 -14.88 31.84
N GLY B 96 -13.50 -14.99 32.72
CA GLY B 96 -13.59 -15.86 33.87
C GLY B 96 -13.26 -15.06 35.11
N LEU B 97 -14.13 -15.05 36.10
CA LEU B 97 -13.94 -14.22 37.28
C LEU B 97 -13.76 -15.08 38.51
N LEU B 98 -12.98 -14.59 39.46
CA LEU B 98 -12.98 -15.19 40.77
C LEU B 98 -14.40 -15.11 41.32
N PRO B 99 -14.86 -16.12 42.06
CA PRO B 99 -16.22 -16.04 42.59
C PRO B 99 -16.45 -14.85 43.50
N SER B 100 -15.39 -14.29 44.07
CA SER B 100 -15.49 -13.13 44.93
C SER B 100 -15.50 -11.81 44.17
N VAL B 101 -15.47 -11.85 42.84
CA VAL B 101 -15.45 -10.64 42.05
C VAL B 101 -16.82 -9.97 42.18
N SER B 102 -16.89 -8.88 42.95
CA SER B 102 -18.12 -8.14 43.13
C SER B 102 -18.20 -7.02 42.10
N GLY B 103 -19.23 -6.19 42.23
CA GLY B 103 -19.34 -5.03 41.37
C GLY B 103 -19.57 -5.42 39.92
N THR B 104 -19.32 -4.45 39.05
CA THR B 104 -19.53 -4.61 37.62
C THR B 104 -18.19 -4.70 36.91
N VAL B 105 -18.11 -5.61 35.93
CA VAL B 105 -16.90 -5.81 35.13
C VAL B 105 -17.30 -5.88 33.67
N LYS B 106 -16.65 -5.08 32.84
CA LYS B 106 -16.98 -4.96 31.43
C LYS B 106 -15.70 -5.04 30.60
N SER B 107 -15.83 -5.60 29.39
CA SER B 107 -14.68 -5.73 28.51
C SER B 107 -15.14 -5.86 27.07
N CYS B 108 -14.35 -5.29 26.16
CA CYS B 108 -14.66 -5.35 24.74
C CYS B 108 -13.38 -5.20 23.93
N VAL B 109 -13.43 -5.65 22.69
CA VAL B 109 -12.29 -5.59 21.78
C VAL B 109 -12.61 -4.58 20.68
N THR B 110 -11.75 -3.58 20.53
CA THR B 110 -11.96 -2.52 19.57
C THR B 110 -10.60 -2.05 19.06
N GLU B 111 -10.62 -1.35 17.93
CA GLU B 111 -9.42 -0.68 17.48
C GLU B 111 -8.92 0.26 18.57
N THR B 112 -7.60 0.27 18.77
CA THR B 112 -7.02 1.01 19.89
C THR B 112 -7.55 2.43 19.89
N GLN B 113 -8.10 2.86 21.03
CA GLN B 113 -8.63 4.20 21.18
C GLN B 113 -7.64 5.07 21.95
N THR B 114 -7.68 6.37 21.65
CA THR B 114 -6.78 7.30 22.33
C THR B 114 -7.06 7.33 23.81
N THR B 115 -8.33 7.29 24.20
CA THR B 115 -8.74 7.21 25.59
C THR B 115 -9.33 5.83 25.82
N ALA B 116 -8.88 5.17 26.90
CA ALA B 116 -9.27 3.78 27.11
C ALA B 116 -10.78 3.66 27.30
N ALA B 117 -11.39 4.56 28.06
CA ALA B 117 -12.81 4.45 28.35
C ALA B 117 -13.64 4.47 27.08
N ALA B 118 -13.22 5.25 26.09
CA ALA B 118 -14.05 5.42 24.90
C ALA B 118 -14.34 4.10 24.20
N SER B 119 -13.48 3.11 24.36
CA SER B 119 -13.60 1.89 23.56
C SER B 119 -15.01 1.33 23.62
N PHE B 120 -15.60 1.30 24.81
CA PHE B 120 -16.93 0.72 24.95
C PHE B 120 -17.96 1.48 24.12
N GLN B 121 -17.76 2.77 23.93
CA GLN B 121 -18.76 3.59 23.25
C GLN B 121 -18.87 3.23 21.77
N VAL B 122 -17.92 2.47 21.24
CA VAL B 122 -17.98 2.04 19.85
C VAL B 122 -18.08 0.53 19.69
N ALA B 123 -17.74 -0.25 20.71
CA ALA B 123 -17.85 -1.69 20.59
C ALA B 123 -19.29 -2.09 20.32
N LEU B 124 -19.48 -2.96 19.32
CA LEU B 124 -20.81 -3.41 18.96
C LEU B 124 -21.36 -4.44 19.95
N ALA B 125 -20.49 -5.04 20.77
CA ALA B 125 -20.93 -5.98 21.78
C ALA B 125 -19.94 -5.94 22.93
N VAL B 126 -20.45 -5.94 24.15
CA VAL B 126 -19.64 -5.87 25.35
C VAL B 126 -19.94 -7.06 26.22
N ALA B 127 -18.91 -7.69 26.76
CA ALA B 127 -19.07 -8.77 27.73
C ALA B 127 -19.21 -8.16 29.11
N ASP B 128 -20.28 -8.51 29.81
CA ASP B 128 -20.56 -8.00 31.13
C ASP B 128 -20.76 -9.14 32.11
N ASN B 129 -20.35 -8.92 33.36
CA ASN B 129 -20.61 -9.91 34.40
C ASN B 129 -22.08 -9.95 34.77
N SER B 130 -22.75 -8.79 34.78
CA SER B 130 -24.14 -8.74 35.22
C SER B 130 -25.08 -9.50 34.31
N LYS B 131 -24.77 -9.61 33.03
CA LYS B 131 -25.64 -10.34 32.12
C LYS B 131 -25.53 -11.84 32.38
N ASP B 132 -26.47 -12.58 31.76
CA ASP B 132 -26.51 -14.02 31.94
C ASP B 132 -25.22 -14.70 31.47
N VAL B 133 -24.75 -14.33 30.28
CA VAL B 133 -23.58 -14.95 29.68
C VAL B 133 -22.50 -13.87 29.59
N VAL B 134 -21.34 -14.13 30.17
CA VAL B 134 -20.25 -13.15 30.18
C VAL B 134 -19.41 -13.44 28.94
N ALA B 135 -19.81 -12.85 27.82
CA ALA B 135 -19.15 -13.09 26.55
C ALA B 135 -19.42 -11.90 25.62
N ALA B 136 -18.88 -11.99 24.41
CA ALA B 136 -19.14 -10.97 23.40
C ALA B 136 -18.67 -11.52 22.07
N MET B 137 -19.60 -11.74 21.14
CA MET B 137 -19.30 -12.33 19.85
C MET B 137 -19.17 -11.24 18.80
N TYR B 138 -18.09 -11.26 18.05
CA TYR B 138 -17.88 -10.31 16.96
C TYR B 138 -17.88 -11.06 15.63
N PRO B 139 -19.04 -11.51 15.15
CA PRO B 139 -19.05 -12.35 13.95
C PRO B 139 -18.51 -11.66 12.72
N GLU B 140 -18.57 -10.34 12.64
CA GLU B 140 -18.20 -9.64 11.41
C GLU B 140 -17.28 -8.45 11.63
N ALA B 141 -17.28 -7.83 12.80
CA ALA B 141 -16.59 -6.55 12.98
C ALA B 141 -15.11 -6.61 12.61
N PHE B 142 -14.49 -7.78 12.66
CA PHE B 142 -13.06 -7.90 12.38
C PHE B 142 -12.71 -8.87 11.26
N LYS B 143 -13.69 -9.47 10.59
CA LYS B 143 -13.37 -10.38 9.50
C LYS B 143 -12.54 -9.66 8.43
N GLY B 144 -11.50 -10.33 7.95
CA GLY B 144 -10.71 -9.85 6.85
C GLY B 144 -9.32 -9.36 7.22
N ILE B 145 -9.11 -8.91 8.47
CA ILE B 145 -7.79 -8.41 8.83
C ILE B 145 -6.81 -9.57 8.97
N THR B 146 -5.53 -9.24 9.03
CA THR B 146 -4.50 -10.24 9.19
C THR B 146 -4.14 -10.39 10.66
N LEU B 147 -3.65 -11.59 11.02
CA LEU B 147 -3.24 -11.82 12.39
C LEU B 147 -2.24 -10.76 12.83
N GLU B 148 -1.37 -10.32 11.93
CA GLU B 148 -0.50 -9.19 12.24
C GLU B 148 -1.32 -7.94 12.52
N GLN B 149 -2.31 -7.67 11.67
CA GLN B 149 -3.21 -6.56 11.95
C GLN B 149 -3.94 -6.75 13.26
N LEU B 150 -4.35 -7.99 13.56
CA LEU B 150 -5.04 -8.24 14.80
C LEU B 150 -4.14 -7.90 15.99
N THR B 151 -2.85 -8.22 15.90
CA THR B 151 -1.95 -7.92 16.99
C THR B 151 -1.65 -6.44 17.08
N ALA B 152 -1.64 -5.75 15.94
CA ALA B 152 -1.19 -4.36 15.90
C ALA B 152 -2.29 -3.36 16.22
N ASP B 153 -3.51 -3.61 15.75
CA ASP B 153 -4.57 -2.61 15.76
C ASP B 153 -5.52 -2.76 16.95
N LEU B 154 -6.06 -3.95 17.15
CA LEU B 154 -7.06 -4.15 18.18
C LEU B 154 -6.43 -4.19 19.55
N THR B 155 -7.26 -3.97 20.57
CA THR B 155 -6.79 -4.01 21.94
C THR B 155 -7.94 -4.49 22.82
N ILE B 156 -7.59 -5.20 23.89
CA ILE B 156 -8.58 -5.67 24.84
C ILE B 156 -8.72 -4.61 25.94
N TYR B 157 -9.94 -4.11 26.10
CA TYR B 157 -10.25 -3.11 27.11
C TYR B 157 -11.04 -3.74 28.23
N LEU B 158 -10.69 -3.39 29.47
CA LEU B 158 -11.27 -4.03 30.64
C LEU B 158 -11.61 -2.96 31.66
N TYR B 159 -12.81 -3.04 32.24
CA TYR B 159 -13.25 -2.07 33.23
C TYR B 159 -13.89 -2.78 34.40
N SER B 160 -13.53 -2.36 35.62
CA SER B 160 -14.09 -2.91 36.84
C SER B 160 -14.52 -1.77 37.75
N SER B 161 -15.75 -1.84 38.25
CA SER B 161 -16.22 -0.81 39.16
C SER B 161 -15.39 -0.77 40.43
N ALA B 162 -15.05 -1.94 40.96
CA ALA B 162 -14.23 -2.05 42.15
C ALA B 162 -12.78 -2.31 41.76
N ALA B 163 -11.90 -2.21 42.75
CA ALA B 163 -10.48 -2.43 42.51
C ALA B 163 -10.22 -3.88 42.11
N LEU B 164 -9.28 -4.08 41.20
CA LEU B 164 -8.88 -5.40 40.75
C LEU B 164 -7.46 -5.71 41.20
N THR B 165 -7.27 -6.90 41.74
CA THR B 165 -5.93 -7.44 41.96
C THR B 165 -5.57 -8.36 40.80
N GLU B 166 -4.27 -8.50 40.56
CA GLU B 166 -3.80 -9.29 39.43
C GLU B 166 -4.46 -10.66 39.46
N GLY B 167 -4.84 -11.15 38.29
CA GLY B 167 -5.47 -12.45 38.18
C GLY B 167 -6.95 -12.47 38.53
N ASP B 168 -7.52 -11.34 38.94
CA ASP B 168 -8.93 -11.31 39.27
C ASP B 168 -9.81 -11.53 38.05
N VAL B 169 -9.31 -11.25 36.85
CA VAL B 169 -10.08 -11.41 35.62
C VAL B 169 -9.19 -12.10 34.61
N ILE B 170 -9.68 -13.18 34.03
CA ILE B 170 -8.93 -13.97 33.06
C ILE B 170 -9.60 -13.76 31.71
N VAL B 171 -9.08 -12.83 30.92
CA VAL B 171 -9.68 -12.49 29.64
C VAL B 171 -9.34 -13.57 28.63
N HIS B 172 -10.26 -14.49 28.40
CA HIS B 172 -10.07 -15.49 27.37
C HIS B 172 -10.39 -14.88 26.03
N LEU B 173 -9.65 -15.30 25.01
CA LEU B 173 -9.86 -14.81 23.65
C LEU B 173 -9.77 -15.99 22.71
N GLU B 174 -10.71 -16.08 21.77
CA GLU B 174 -10.78 -17.18 20.82
C GLU B 174 -10.91 -16.59 19.43
N VAL B 175 -9.90 -16.77 18.60
CA VAL B 175 -9.83 -16.15 17.28
C VAL B 175 -9.93 -17.25 16.23
N GLU B 176 -10.98 -17.20 15.41
CA GLU B 176 -11.08 -18.09 14.26
C GLU B 176 -10.32 -17.49 13.09
N HIS B 177 -9.58 -18.34 12.37
CA HIS B 177 -8.80 -17.86 11.25
C HIS B 177 -8.42 -19.01 10.34
N VAL B 178 -7.95 -18.65 9.14
CA VAL B 178 -7.59 -19.65 8.14
C VAL B 178 -6.60 -20.63 8.73
N ARG B 179 -6.75 -21.90 8.35
CA ARG B 179 -5.86 -22.94 8.85
C ARG B 179 -4.45 -22.71 8.33
N PRO B 180 -3.46 -22.53 9.21
CA PRO B 180 -2.07 -22.43 8.73
C PRO B 180 -1.63 -23.73 8.08
N THR B 181 -0.76 -23.60 7.07
CA THR B 181 -0.28 -24.74 6.29
C THR B 181 1.23 -24.82 6.40
N PHE B 182 1.72 -26.02 6.73
CA PHE B 182 3.15 -26.24 6.88
C PHE B 182 3.77 -26.66 5.55
N ASP B 183 5.10 -26.61 5.50
CA ASP B 183 5.84 -27.00 4.31
C ASP B 183 5.50 -28.42 3.91
N ASP B 184 5.27 -28.63 2.61
CA ASP B 184 4.85 -29.92 2.11
C ASP B 184 6.00 -30.86 1.79
N SER B 185 7.20 -30.36 1.57
CA SER B 185 8.29 -31.18 1.06
C SER B 185 9.62 -30.74 1.66
N PHE B 186 10.61 -31.63 1.57
CA PHE B 186 11.94 -31.38 2.09
C PHE B 186 12.66 -30.32 1.25
N THR B 187 13.92 -30.08 1.60
CA THR B 187 14.82 -29.21 0.84
C THR B 187 15.91 -30.06 0.23
N PRO B 188 16.06 -30.10 -1.11
CA PRO B 188 17.01 -31.03 -1.72
C PRO B 188 18.47 -30.73 -1.35
N LYS C 42 25.26 -22.24 -25.78
CA LYS C 42 23.87 -22.08 -26.19
C LYS C 42 23.30 -20.76 -25.69
N ALA C 43 22.01 -20.56 -25.93
CA ALA C 43 21.30 -19.38 -25.45
C ALA C 43 19.95 -19.80 -24.89
N ILE C 44 19.59 -19.21 -23.75
CA ILE C 44 18.34 -19.53 -23.06
C ILE C 44 17.42 -18.35 -23.27
N LYS C 45 16.45 -18.51 -24.16
CA LYS C 45 15.58 -17.41 -24.56
C LYS C 45 14.72 -16.96 -23.38
N ALA C 46 14.49 -15.65 -23.30
CA ALA C 46 13.60 -15.11 -22.28
C ALA C 46 12.16 -15.55 -22.52
N TRP C 47 11.36 -15.44 -21.47
CA TRP C 47 9.95 -15.79 -21.55
C TRP C 47 9.21 -14.79 -22.43
N THR C 48 8.03 -15.20 -22.88
CA THR C 48 7.19 -14.32 -23.70
C THR C 48 6.92 -13.03 -22.94
N GLY C 49 7.25 -11.90 -23.56
CA GLY C 49 7.06 -10.61 -22.93
C GLY C 49 8.16 -10.19 -21.98
N TYR C 50 9.26 -10.95 -21.90
CA TYR C 50 10.38 -10.64 -21.03
C TYR C 50 11.60 -10.26 -21.85
N SER C 51 12.48 -9.50 -21.19
CA SER C 51 13.74 -9.05 -21.77
C SER C 51 14.88 -9.45 -20.84
N VAL C 52 16.09 -9.08 -21.22
CA VAL C 52 17.28 -9.40 -20.46
C VAL C 52 18.14 -8.16 -20.31
N SER C 53 18.84 -8.07 -19.18
CA SER C 53 19.81 -7.01 -18.94
C SER C 53 21.05 -7.59 -18.27
N LYS C 54 22.15 -6.87 -18.35
CA LYS C 54 23.42 -7.32 -17.80
C LYS C 54 24.19 -6.14 -17.24
N TRP C 55 25.03 -6.42 -16.25
CA TRP C 55 26.03 -5.44 -15.85
C TRP C 55 27.02 -6.14 -14.92
N THR C 56 28.30 -5.81 -15.09
CA THR C 56 29.39 -6.53 -14.48
C THR C 56 30.11 -5.64 -13.47
N ALA C 57 30.99 -6.26 -12.68
CA ALA C 57 31.74 -5.53 -11.67
C ALA C 57 33.05 -6.27 -11.39
N SER C 58 34.16 -5.57 -11.54
CA SER C 58 35.45 -6.18 -11.27
C SER C 58 35.65 -6.38 -9.77
N CYS C 59 36.31 -7.48 -9.42
CA CYS C 59 36.51 -7.80 -8.01
C CYS C 59 37.53 -6.84 -7.39
N ALA C 60 37.30 -6.50 -6.14
CA ALA C 60 38.25 -5.71 -5.37
C ALA C 60 39.34 -6.60 -4.81
N ALA C 61 40.39 -5.97 -4.30
CA ALA C 61 41.47 -6.70 -3.66
C ALA C 61 40.97 -7.40 -2.41
N ALA C 62 41.48 -8.61 -2.16
CA ALA C 62 41.08 -9.39 -1.01
C ALA C 62 42.19 -10.36 -0.65
N GLU C 63 42.34 -10.62 0.65
CA GLU C 63 43.36 -11.51 1.15
C GLU C 63 42.83 -12.94 1.21
N ALA C 64 43.66 -13.85 1.72
CA ALA C 64 43.36 -15.27 1.67
C ALA C 64 42.02 -15.59 2.33
N LYS C 65 41.21 -16.39 1.65
CA LYS C 65 39.94 -16.89 2.15
C LYS C 65 38.98 -15.79 2.57
N VAL C 66 39.28 -14.54 2.25
CA VAL C 66 38.40 -13.43 2.59
C VAL C 66 37.23 -13.43 1.63
N THR C 67 36.01 -13.34 2.16
CA THR C 67 34.82 -13.17 1.36
C THR C 67 34.52 -11.68 1.28
N SER C 68 34.32 -11.19 0.06
CA SER C 68 34.03 -9.79 -0.16
C SER C 68 32.62 -9.61 -0.72
N ALA C 69 32.05 -8.45 -0.48
CA ALA C 69 30.73 -8.10 -0.97
C ALA C 69 30.86 -7.24 -2.22
N ILE C 70 30.01 -7.51 -3.20
CA ILE C 70 29.99 -6.77 -4.46
C ILE C 70 28.60 -6.20 -4.64
N THR C 71 28.54 -4.90 -4.94
CA THR C 71 27.28 -4.17 -4.96
C THR C 71 26.57 -4.32 -6.30
N ILE C 72 25.26 -4.10 -6.29
CA ILE C 72 24.43 -4.18 -7.48
C ILE C 72 23.79 -2.81 -7.68
N SER C 73 23.96 -2.24 -8.87
CA SER C 73 23.33 -0.97 -9.23
C SER C 73 22.64 -1.11 -10.58
N LEU C 74 21.40 -0.61 -10.65
CA LEU C 74 20.65 -0.73 -11.89
C LEU C 74 21.31 0.10 -12.99
N PRO C 75 21.25 -0.36 -14.24
CA PRO C 75 21.77 0.46 -15.34
C PRO C 75 20.87 1.67 -15.60
N ASN C 76 21.46 2.65 -16.29
CA ASN C 76 20.75 3.89 -16.56
C ASN C 76 19.46 3.66 -17.34
N GLU C 77 19.45 2.67 -18.25
CA GLU C 77 18.22 2.35 -18.96
C GLU C 77 17.12 1.94 -18.02
N LEU C 78 17.47 1.28 -16.91
CA LEU C 78 16.49 0.78 -15.96
C LEU C 78 16.27 1.71 -14.78
N SER C 79 17.13 2.70 -14.58
CA SER C 79 16.98 3.63 -13.47
C SER C 79 15.74 4.50 -13.60
N SER C 80 15.10 4.51 -14.77
CA SER C 80 13.88 5.30 -14.95
C SER C 80 12.76 4.76 -14.08
N GLU C 81 11.83 5.65 -13.71
CA GLU C 81 10.79 5.27 -12.76
C GLU C 81 9.98 4.09 -13.26
N ARG C 82 9.47 4.16 -14.48
CA ARG C 82 8.59 3.11 -14.96
C ARG C 82 9.31 1.78 -15.04
N ASN C 83 10.55 1.77 -15.54
CA ASN C 83 11.29 0.53 -15.64
C ASN C 83 11.56 -0.08 -14.27
N LYS C 84 11.76 0.76 -13.24
CA LYS C 84 12.09 0.24 -11.92
C LYS C 84 11.05 -0.75 -11.43
N GLN C 85 9.79 -0.60 -11.86
CA GLN C 85 8.71 -1.42 -11.32
C GLN C 85 8.55 -2.75 -12.03
N LEU C 86 9.37 -3.05 -13.03
CA LEU C 86 9.20 -4.28 -13.79
C LEU C 86 9.60 -5.49 -12.94
N LYS C 87 8.83 -6.56 -13.09
CA LYS C 87 9.06 -7.78 -12.32
C LYS C 87 10.16 -8.62 -12.96
N VAL C 88 10.95 -9.26 -12.10
CA VAL C 88 12.09 -10.07 -12.51
C VAL C 88 11.63 -11.49 -12.78
N GLY C 89 12.36 -12.19 -13.64
CA GLY C 89 12.14 -13.61 -13.85
C GLY C 89 13.32 -14.44 -13.38
N ARG C 90 13.92 -15.21 -14.29
CA ARG C 90 15.08 -16.01 -13.97
C ARG C 90 16.30 -15.11 -13.79
N VAL C 91 17.38 -15.69 -13.27
CA VAL C 91 18.63 -14.98 -13.10
C VAL C 91 19.77 -15.97 -13.37
N LEU C 92 20.95 -15.42 -13.68
CA LEU C 92 22.13 -16.24 -13.90
C LEU C 92 23.35 -15.46 -13.48
N LEU C 93 24.29 -16.13 -12.85
CA LEU C 93 25.55 -15.54 -12.41
C LEU C 93 26.69 -16.40 -12.92
N TRP C 94 27.75 -15.75 -13.39
CA TRP C 94 28.94 -16.48 -13.81
C TRP C 94 30.13 -15.54 -13.77
N LEU C 95 31.32 -16.12 -13.75
CA LEU C 95 32.54 -15.36 -13.52
C LEU C 95 33.47 -15.45 -14.72
N GLY C 96 34.33 -14.45 -14.84
CA GLY C 96 35.44 -14.48 -15.76
C GLY C 96 36.73 -14.40 -15.01
N LEU C 97 37.55 -15.44 -15.06
CA LEU C 97 38.78 -15.52 -14.29
C LEU C 97 39.97 -15.32 -15.20
N LEU C 98 41.00 -14.64 -14.68
CA LEU C 98 42.27 -14.62 -15.39
C LEU C 98 42.79 -16.05 -15.51
N PRO C 99 43.54 -16.36 -16.56
CA PRO C 99 44.03 -17.74 -16.71
C PRO C 99 44.92 -18.18 -15.57
N SER C 100 45.52 -17.25 -14.84
CA SER C 100 46.41 -17.57 -13.73
C SER C 100 45.68 -17.73 -12.41
N VAL C 101 44.36 -17.56 -12.37
CA VAL C 101 43.63 -17.64 -11.12
C VAL C 101 43.70 -19.06 -10.60
N SER C 102 44.45 -19.27 -9.52
CA SER C 102 44.58 -20.58 -8.89
C SER C 102 43.66 -20.68 -7.68
N GLY C 103 43.71 -21.82 -7.01
CA GLY C 103 42.90 -22.02 -5.83
C GLY C 103 41.42 -22.08 -6.16
N THR C 104 40.62 -22.02 -5.09
CA THR C 104 39.17 -22.11 -5.20
C THR C 104 38.58 -20.71 -5.14
N VAL C 105 37.57 -20.48 -5.98
CA VAL C 105 36.87 -19.21 -6.02
C VAL C 105 35.38 -19.49 -6.12
N LYS C 106 34.59 -18.84 -5.25
CA LYS C 106 33.16 -19.05 -5.19
C LYS C 106 32.45 -17.71 -5.13
N SER C 107 31.25 -17.66 -5.71
CA SER C 107 30.42 -16.46 -5.64
C SER C 107 28.96 -16.85 -5.79
N CYS C 108 28.09 -15.98 -5.27
CA CYS C 108 26.65 -16.23 -5.30
C CYS C 108 25.93 -14.93 -4.99
N VAL C 109 24.64 -14.90 -5.30
CA VAL C 109 23.79 -13.74 -5.07
C VAL C 109 22.68 -14.12 -4.11
N THR C 110 22.52 -13.34 -3.05
CA THR C 110 21.53 -13.61 -2.02
C THR C 110 21.08 -12.29 -1.43
N GLU C 111 19.99 -12.34 -0.66
CA GLU C 111 19.62 -11.19 0.16
C GLU C 111 20.78 -10.84 1.07
N THR C 112 21.05 -9.55 1.22
CA THR C 112 22.26 -9.13 1.91
C THR C 112 22.31 -9.73 3.30
N GLN C 113 23.46 -10.30 3.64
CA GLN C 113 23.67 -10.90 4.94
C GLN C 113 24.60 -10.02 5.75
N THR C 114 24.26 -9.84 7.03
CA THR C 114 25.04 -8.95 7.89
C THR C 114 26.51 -9.29 7.84
N THR C 115 26.84 -10.57 7.70
CA THR C 115 28.21 -11.02 7.48
C THR C 115 28.31 -11.57 6.07
N ALA C 116 29.40 -11.22 5.38
CA ALA C 116 29.49 -11.54 3.97
C ALA C 116 29.50 -13.05 3.73
N ALA C 117 30.27 -13.78 4.52
CA ALA C 117 30.44 -15.20 4.27
C ALA C 117 29.12 -15.94 4.33
N ALA C 118 28.20 -15.50 5.20
CA ALA C 118 26.99 -16.27 5.44
C ALA C 118 26.21 -16.52 4.17
N SER C 119 26.26 -15.60 3.20
CA SER C 119 25.39 -15.69 2.05
C SER C 119 25.45 -17.07 1.40
N PHE C 120 26.65 -17.63 1.28
CA PHE C 120 26.76 -18.95 0.67
C PHE C 120 25.87 -19.96 1.37
N GLN C 121 25.79 -19.86 2.70
CA GLN C 121 25.07 -20.85 3.47
C GLN C 121 23.56 -20.82 3.20
N VAL C 122 23.09 -19.79 2.52
CA VAL C 122 21.67 -19.68 2.17
C VAL C 122 21.43 -19.59 0.68
N ALA C 123 22.47 -19.37 -0.13
CA ALA C 123 22.29 -19.28 -1.57
C ALA C 123 21.72 -20.58 -2.12
N LEU C 124 20.74 -20.47 -3.02
CA LEU C 124 20.18 -21.65 -3.65
C LEU C 124 21.11 -22.27 -4.68
N ALA C 125 22.19 -21.59 -5.03
CA ALA C 125 23.20 -22.14 -5.92
C ALA C 125 24.42 -21.23 -5.85
N VAL C 126 25.58 -21.81 -6.13
CA VAL C 126 26.84 -21.10 -6.02
C VAL C 126 27.62 -21.30 -7.31
N ALA C 127 28.19 -20.21 -7.83
CA ALA C 127 29.13 -20.30 -8.95
C ALA C 127 30.50 -20.61 -8.38
N ASP C 128 31.02 -21.79 -8.70
CA ASP C 128 32.27 -22.29 -8.15
C ASP C 128 33.20 -22.68 -9.27
N ASN C 129 34.44 -22.19 -9.21
CA ASN C 129 35.40 -22.46 -10.28
C ASN C 129 35.71 -23.94 -10.44
N SER C 130 35.51 -24.74 -9.39
CA SER C 130 35.82 -26.17 -9.51
C SER C 130 34.97 -26.84 -10.57
N LYS C 131 33.76 -26.34 -10.81
CA LYS C 131 32.88 -26.95 -11.78
C LYS C 131 33.39 -26.68 -13.19
N ASP C 132 32.87 -27.44 -14.15
CA ASP C 132 33.24 -27.23 -15.54
C ASP C 132 32.80 -25.84 -16.03
N VAL C 133 31.54 -25.49 -15.77
CA VAL C 133 30.99 -24.19 -16.15
C VAL C 133 30.89 -23.36 -14.88
N VAL C 134 31.57 -22.22 -14.85
CA VAL C 134 31.62 -21.40 -13.63
C VAL C 134 30.41 -20.48 -13.70
N ALA C 135 29.27 -21.02 -13.27
CA ALA C 135 28.01 -20.30 -13.35
C ALA C 135 27.06 -20.85 -12.30
N ALA C 136 25.98 -20.12 -12.08
CA ALA C 136 24.94 -20.55 -11.15
C ALA C 136 23.64 -19.86 -11.52
N MET C 137 22.60 -20.64 -11.75
CA MET C 137 21.31 -20.12 -12.20
C MET C 137 20.34 -20.14 -11.03
N TYR C 138 19.64 -19.03 -10.82
CA TYR C 138 18.59 -18.99 -9.81
C TYR C 138 17.26 -18.91 -10.57
N PRO C 139 16.77 -20.02 -11.13
CA PRO C 139 15.67 -19.91 -12.07
C PRO C 139 14.41 -19.34 -11.47
N GLU C 140 14.17 -19.53 -10.19
CA GLU C 140 12.94 -19.05 -9.56
C GLU C 140 13.15 -18.39 -8.21
N ALA C 141 14.37 -18.31 -7.69
CA ALA C 141 14.58 -17.76 -6.36
C ALA C 141 14.03 -16.35 -6.25
N PHE C 142 14.24 -15.51 -7.26
CA PHE C 142 13.85 -14.11 -7.20
C PHE C 142 12.66 -13.78 -8.09
N LYS C 143 11.99 -14.77 -8.66
CA LYS C 143 10.84 -14.47 -9.51
C LYS C 143 9.81 -13.68 -8.71
N GLY C 144 9.31 -12.59 -9.32
CA GLY C 144 8.25 -11.80 -8.76
C GLY C 144 8.67 -10.49 -8.13
N ILE C 145 9.95 -10.28 -7.86
CA ILE C 145 10.39 -9.03 -7.25
C ILE C 145 10.57 -7.97 -8.32
N THR C 146 10.55 -6.71 -7.90
CA THR C 146 10.79 -5.61 -8.81
C THR C 146 12.28 -5.35 -8.94
N LEU C 147 12.66 -4.77 -10.09
CA LEU C 147 14.06 -4.41 -10.29
C LEU C 147 14.57 -3.54 -9.13
N GLU C 148 13.71 -2.68 -8.60
CA GLU C 148 14.08 -1.92 -7.41
C GLU C 148 14.44 -2.85 -6.26
N GLN C 149 13.58 -3.82 -5.97
CA GLN C 149 13.88 -4.78 -4.91
C GLN C 149 15.17 -5.53 -5.22
N LEU C 150 15.32 -5.96 -6.46
CA LEU C 150 16.52 -6.69 -6.87
C LEU C 150 17.77 -5.90 -6.55
N THR C 151 17.77 -4.61 -6.92
CA THR C 151 18.95 -3.79 -6.66
C THR C 151 19.06 -3.37 -5.22
N ALA C 152 17.96 -3.44 -4.46
CA ALA C 152 17.97 -2.96 -3.09
C ALA C 152 18.52 -4.01 -2.13
N ASP C 153 17.94 -5.21 -2.15
CA ASP C 153 18.23 -6.20 -1.12
C ASP C 153 19.25 -7.25 -1.55
N LEU C 154 19.25 -7.67 -2.81
CA LEU C 154 20.23 -8.65 -3.24
C LEU C 154 21.61 -8.01 -3.37
N THR C 155 22.63 -8.85 -3.27
CA THR C 155 24.01 -8.39 -3.45
C THR C 155 24.84 -9.57 -3.90
N ILE C 156 25.99 -9.26 -4.48
CA ILE C 156 26.92 -10.26 -4.98
C ILE C 156 28.01 -10.51 -3.95
N TYR C 157 28.27 -11.78 -3.65
CA TYR C 157 29.31 -12.18 -2.72
C TYR C 157 30.36 -13.01 -3.46
N LEU C 158 31.63 -12.76 -3.15
CA LEU C 158 32.75 -13.39 -3.82
C LEU C 158 33.70 -13.94 -2.79
N TYR C 159 34.21 -15.15 -3.03
CA TYR C 159 35.15 -15.78 -2.11
C TYR C 159 36.30 -16.40 -2.90
N SER C 160 37.51 -16.20 -2.41
CA SER C 160 38.71 -16.74 -3.04
C SER C 160 39.63 -17.31 -1.97
N SER C 161 40.07 -18.55 -2.18
CA SER C 161 41.00 -19.15 -1.22
C SER C 161 42.32 -18.40 -1.20
N ALA C 162 42.81 -18.01 -2.37
CA ALA C 162 44.05 -17.25 -2.49
C ALA C 162 43.74 -15.76 -2.57
N ALA C 163 44.80 -14.96 -2.43
CA ALA C 163 44.65 -13.52 -2.50
C ALA C 163 44.20 -13.10 -3.90
N LEU C 164 43.47 -11.99 -3.94
CA LEU C 164 42.97 -11.43 -5.19
C LEU C 164 43.57 -10.05 -5.42
N THR C 165 43.54 -9.62 -6.67
CA THR C 165 43.95 -8.27 -7.06
C THR C 165 42.90 -7.72 -8.02
N GLU C 166 42.82 -6.40 -8.10
CA GLU C 166 41.82 -5.76 -8.95
C GLU C 166 41.88 -6.36 -10.34
N GLY C 167 40.72 -6.66 -10.90
CA GLY C 167 40.62 -7.25 -12.22
C GLY C 167 40.84 -8.74 -12.25
N ASP C 168 41.13 -9.37 -11.12
CA ASP C 168 41.38 -10.81 -11.12
C ASP C 168 40.11 -11.57 -11.49
N VAL C 169 38.95 -11.10 -11.03
CA VAL C 169 37.69 -11.80 -11.26
C VAL C 169 36.70 -10.79 -11.82
N ILE C 170 36.02 -11.16 -12.89
CA ILE C 170 34.99 -10.33 -13.51
C ILE C 170 33.66 -11.00 -13.28
N VAL C 171 32.75 -10.31 -12.60
CA VAL C 171 31.47 -10.87 -12.19
C VAL C 171 30.42 -10.49 -13.22
N HIS C 172 29.84 -11.49 -13.87
CA HIS C 172 28.81 -11.29 -14.87
C HIS C 172 27.46 -11.70 -14.31
N LEU C 173 26.42 -10.97 -14.68
CA LEU C 173 25.09 -11.20 -14.12
C LEU C 173 24.03 -10.96 -15.17
N GLU C 174 23.03 -11.83 -15.21
CA GLU C 174 21.84 -11.63 -16.02
C GLU C 174 20.67 -11.22 -15.12
N VAL C 175 19.75 -10.45 -15.68
CA VAL C 175 18.49 -10.16 -15.01
C VAL C 175 17.36 -10.20 -16.02
N GLU C 176 16.65 -11.32 -16.10
CA GLU C 176 15.46 -11.37 -16.94
C GLU C 176 14.35 -10.58 -16.28
N HIS C 177 13.56 -9.89 -17.09
CA HIS C 177 12.40 -9.18 -16.57
C HIS C 177 11.48 -8.81 -17.72
N VAL C 178 10.28 -8.35 -17.36
CA VAL C 178 9.30 -7.98 -18.35
C VAL C 178 9.83 -6.82 -19.20
N ARG C 179 9.36 -6.74 -20.43
CA ARG C 179 9.79 -5.69 -21.34
C ARG C 179 9.34 -4.31 -20.84
N PRO C 180 10.24 -3.34 -20.71
CA PRO C 180 9.78 -1.96 -20.55
C PRO C 180 8.97 -1.54 -21.76
N THR C 181 7.91 -0.77 -21.52
CA THR C 181 6.94 -0.45 -22.55
C THR C 181 6.51 1.00 -22.44
N PHE C 182 6.21 1.62 -23.58
CA PHE C 182 5.78 3.02 -23.60
C PHE C 182 5.11 3.34 -24.93
N ASP C 183 4.10 4.21 -24.87
CA ASP C 183 3.30 4.59 -26.02
C ASP C 183 2.47 5.81 -25.64
N ASP C 184 2.22 6.69 -26.61
CA ASP C 184 1.61 7.98 -26.30
C ASP C 184 0.88 8.51 -27.52
N SER C 185 0.32 9.70 -27.36
CA SER C 185 -0.39 10.43 -28.42
C SER C 185 -0.66 11.84 -27.89
N PHE C 186 -1.43 12.61 -28.65
CA PHE C 186 -1.82 13.95 -28.26
C PHE C 186 -3.20 14.29 -28.80
N THR C 187 -3.62 15.53 -28.49
CA THR C 187 -4.79 16.19 -29.04
C THR C 187 -5.66 15.30 -29.93
#